data_6CYM
#
_entry.id   6CYM
#
_cell.length_a   91.670
_cell.length_b   99.730
_cell.length_c   146.010
_cell.angle_alpha   90.00
_cell.angle_beta   90.00
_cell.angle_gamma   90.00
#
_symmetry.space_group_name_H-M   'C 2 2 21'
#
loop_
_entity.id
_entity.type
_entity.pdbx_description
1 polymer Prothrombin
2 polymer Prothrombin
3 non-polymer '2-methoxybenzoic acid'
4 non-polymer 2-acetamido-2-deoxy-beta-D-glucopyranose
5 non-polymer 'SODIUM ION'
6 water water
#
loop_
_entity_poly.entity_id
_entity_poly.type
_entity_poly.pdbx_seq_one_letter_code
_entity_poly.pdbx_strand_id
1 'polypeptide(L)'
;IVEGSDAEIGMSPWQVMLFRKSPQELLCGASLISDRWVLTAAHCLLYPPWDKNFTENDLLVRIGKHSRTRYERNIEKISM
LEKIYIHPRYNWRENLDRDIALMKLKKPVAFSDYIHPVCLPDRETAASLLQAGYKGRVTGWGNLKETWTANVGKGQPSVL
QVVNLPIVERPVCKDSTRIRITDNMFCAGYKPDEGKRGDACEGDSGGPFVMKSPFNNRWYQMGIVSWGEGCDRDGKYGFY
THVFRLKKWIQKVIDQFGE
;
A,C
2 'polypeptide(L)' ADCGLRPLFEKKSLEDKTERELLESYID B,D
#
# COMPACT_ATOMS: atom_id res chain seq x y z
N ILE A 1 -14.87 10.39 25.37
CA ILE A 1 -14.48 8.97 25.58
C ILE A 1 -14.70 8.51 27.02
N VAL A 2 -15.11 7.23 27.15
CA VAL A 2 -15.33 6.51 28.40
C VAL A 2 -14.12 5.61 28.68
N GLU A 3 -13.66 5.59 29.95
CA GLU A 3 -12.50 4.86 30.47
C GLU A 3 -11.20 5.00 29.61
N GLY A 4 -11.05 6.16 29.01
CA GLY A 4 -9.88 6.52 28.23
C GLY A 4 -9.04 7.54 28.98
N SER A 5 -7.93 7.97 28.38
CA SER A 5 -7.04 8.95 29.02
C SER A 5 -6.56 10.06 28.07
N ASP A 6 -5.91 11.08 28.63
CA ASP A 6 -5.38 12.22 27.90
C ASP A 6 -4.39 11.84 26.78
N ALA A 7 -4.56 12.42 25.60
CA ALA A 7 -3.67 12.17 24.49
C ALA A 7 -2.36 12.97 24.66
N GLU A 8 -1.27 12.52 24.00
CA GLU A 8 0.04 13.16 24.00
C GLU A 8 0.00 14.23 22.93
N ILE A 9 0.89 15.23 23.01
CA ILE A 9 0.91 16.30 22.02
C ILE A 9 1.18 15.68 20.61
N GLY A 10 0.20 15.88 19.72
CA GLY A 10 0.24 15.38 18.35
C GLY A 10 0.26 13.88 18.27
N MET A 11 -0.61 13.22 19.07
CA MET A 11 -0.77 11.76 19.14
C MET A 11 -1.75 11.30 18.06
N SER A 12 -2.72 12.15 17.70
CA SER A 12 -3.71 11.84 16.67
C SER A 12 -3.75 13.06 15.80
N PRO A 13 -2.76 13.24 14.89
CA PRO A 13 -2.70 14.49 14.09
C PRO A 13 -3.77 14.66 13.01
N TRP A 14 -4.51 13.59 12.69
CA TRP A 14 -5.55 13.56 11.69
C TRP A 14 -6.89 13.84 12.32
N GLN A 15 -6.93 13.88 13.66
CA GLN A 15 -8.13 14.14 14.44
C GLN A 15 -8.73 15.53 14.09
N VAL A 16 -10.02 15.51 13.72
CA VAL A 16 -10.83 16.69 13.35
C VAL A 16 -12.05 16.80 14.32
N MET A 17 -12.57 18.05 14.44
CA MET A 17 -13.75 18.39 15.23
C MET A 17 -14.79 19.02 14.32
N LEU A 18 -15.98 18.45 14.29
CA LEU A 18 -17.11 18.99 13.54
C LEU A 18 -17.97 19.86 14.49
N PHE A 19 -18.15 21.11 14.10
CA PHE A 19 -18.91 22.10 14.85
C PHE A 19 -20.11 22.58 14.06
N ARG A 20 -21.15 22.99 14.79
CA ARG A 20 -22.29 23.67 14.22
C ARG A 20 -21.80 25.11 14.19
N LYS A 21 -22.30 25.91 13.25
CA LYS A 21 -21.89 27.30 13.18
C LYS A 21 -22.72 28.15 14.14
N SER A 22 -24.07 28.08 14.06
CA SER A 22 -24.97 28.86 14.93
C SER A 22 -25.97 28.00 15.77
N PRO A 23 -25.75 27.84 17.11
CA PRO A 23 -24.61 28.30 17.91
C PRO A 23 -23.39 27.40 17.71
N GLN A 24 -22.18 27.84 18.12
CA GLN A 24 -20.96 27.05 17.93
C GLN A 24 -20.78 25.96 19.01
N GLU A 25 -21.24 24.72 18.69
CA GLU A 25 -21.27 23.53 19.54
C GLU A 25 -20.60 22.31 18.90
N LEU A 26 -19.96 21.48 19.73
CA LEU A 26 -19.31 20.25 19.24
C LEU A 26 -20.39 19.26 18.82
N LEU A 27 -20.32 18.77 17.58
CA LEU A 27 -21.28 17.82 17.05
C LEU A 27 -20.67 16.44 17.10
N CYS A 28 -19.63 16.23 16.28
CA CYS A 28 -18.95 14.97 16.11
C CYS A 28 -17.46 15.15 16.07
N GLY A 29 -16.75 14.04 16.03
CA GLY A 29 -15.32 13.97 15.81
C GLY A 29 -15.18 13.63 14.33
N ALA A 30 -13.96 13.75 13.76
CA ALA A 30 -13.73 13.43 12.35
C ALA A 30 -12.27 13.08 12.04
N SER A 31 -11.90 12.92 10.76
CA SER A 31 -10.53 12.58 10.41
C SER A 31 -10.10 13.21 9.11
N LEU A 32 -8.83 13.62 9.05
CA LEU A 32 -8.16 14.22 7.90
C LEU A 32 -7.56 13.07 7.14
N ILE A 33 -7.98 12.92 5.88
CA ILE A 33 -7.47 11.83 5.05
C ILE A 33 -6.56 12.32 3.90
N SER A 34 -6.51 13.66 3.67
CA SER A 34 -5.70 14.37 2.65
C SER A 34 -5.65 15.86 2.96
N ASP A 35 -5.14 16.69 2.04
CA ASP A 35 -5.10 18.16 2.19
C ASP A 35 -6.48 18.83 2.21
N ARG A 36 -7.45 18.31 1.43
CA ARG A 36 -8.79 18.88 1.28
C ARG A 36 -9.98 17.99 1.76
N TRP A 37 -9.72 16.70 2.10
CA TRP A 37 -10.81 15.81 2.49
C TRP A 37 -10.82 15.37 3.93
N VAL A 38 -12.02 15.46 4.55
CA VAL A 38 -12.34 15.05 5.93
C VAL A 38 -13.37 13.95 5.84
N LEU A 39 -13.31 12.97 6.75
CA LEU A 39 -14.16 11.80 6.75
C LEU A 39 -14.81 11.64 8.14
N THR A 40 -16.09 11.97 8.24
CA THR A 40 -16.88 11.79 9.46
C THR A 40 -17.96 10.68 9.18
N ALA A 41 -18.92 10.47 10.11
CA ALA A 41 -20.02 9.53 9.91
C ALA A 41 -21.19 10.34 9.39
N ALA A 42 -22.03 9.72 8.55
CA ALA A 42 -23.22 10.33 7.94
C ALA A 42 -24.25 10.81 8.95
N HIS A 43 -24.59 10.00 9.99
CA HIS A 43 -25.60 10.35 11.00
C HIS A 43 -25.31 11.71 11.67
N CYS A 44 -24.05 12.16 11.64
CA CYS A 44 -23.64 13.46 12.16
C CYS A 44 -24.27 14.62 11.39
N LEU A 45 -24.46 14.41 10.08
CA LEU A 45 -25.00 15.42 9.18
C LEU A 45 -26.46 15.17 8.88
N LEU A 46 -26.83 13.90 8.68
CA LEU A 46 -28.19 13.52 8.32
C LEU A 46 -28.76 12.43 9.19
N TYR A 47 -29.79 12.79 9.94
CA TYR A 47 -30.61 11.92 10.78
C TYR A 47 -32.04 12.49 10.86
N PRO A 48 -32.85 12.24 9.80
CA PRO A 48 -34.21 12.80 9.74
C PRO A 48 -35.14 12.58 10.95
N PRO A 49 -35.11 11.45 11.70
CA PRO A 49 -36.01 11.33 12.87
C PRO A 49 -35.77 12.39 13.95
N TRP A 50 -34.65 13.08 13.89
CA TRP A 50 -34.29 14.10 14.84
C TRP A 50 -34.07 15.42 14.06
N ASP A 51 -34.83 15.60 12.96
CA ASP A 51 -34.80 16.73 12.00
C ASP A 51 -33.38 17.26 11.73
N LYS A 52 -32.45 16.32 11.48
CA LYS A 52 -31.03 16.58 11.25
C LYS A 52 -30.74 16.48 9.74
N ASN A 53 -30.45 17.62 9.10
CA ASN A 53 -30.10 17.70 7.70
C ASN A 53 -29.21 18.94 7.57
N PHE A 54 -27.88 18.75 7.71
CA PHE A 54 -26.90 19.81 7.70
C PHE A 54 -26.33 20.18 6.34
N THR A 55 -26.38 21.49 6.00
CA THR A 55 -25.78 21.98 4.76
C THR A 55 -24.28 22.24 5.08
N GLU A 56 -23.47 22.57 4.08
CA GLU A 56 -22.05 22.89 4.25
C GLU A 56 -21.94 24.18 5.04
N ASN A 57 -22.92 25.09 4.83
CA ASN A 57 -23.05 26.44 5.40
C ASN A 57 -23.46 26.40 6.87
N ASP A 58 -23.90 25.24 7.33
CA ASP A 58 -24.33 25.05 8.71
C ASP A 58 -23.12 24.69 9.57
N LEU A 59 -22.10 24.07 8.96
CA LEU A 59 -20.95 23.52 9.67
C LEU A 59 -19.62 24.21 9.50
N LEU A 60 -18.76 23.94 10.50
CA LEU A 60 -17.39 24.44 10.71
C LEU A 60 -16.49 23.27 11.13
N VAL A 61 -15.19 23.35 10.83
CA VAL A 61 -14.26 22.28 11.19
C VAL A 61 -12.98 22.85 11.87
N ARG A 62 -12.51 22.22 12.95
CA ARG A 62 -11.31 22.65 13.68
C ARG A 62 -10.27 21.52 13.76
N ILE A 63 -9.11 21.71 13.15
CA ILE A 63 -8.05 20.72 13.07
C ILE A 63 -6.81 21.19 13.86
N GLY A 64 -6.16 20.26 14.57
CA GLY A 64 -4.91 20.52 15.29
C GLY A 64 -5.00 20.81 16.77
N LYS A 65 -6.24 20.80 17.31
CA LYS A 65 -6.54 21.09 18.70
C LYS A 65 -6.16 19.93 19.65
N HIS A 66 -5.78 20.30 20.89
CA HIS A 66 -5.42 19.40 21.99
C HIS A 66 -6.37 19.73 23.13
N SER A 67 -6.38 21.00 23.57
CA SER A 67 -7.26 21.48 24.62
C SER A 67 -8.44 22.22 23.97
N ARG A 68 -9.69 21.66 24.09
CA ARG A 68 -11.01 22.16 23.60
C ARG A 68 -11.30 23.63 24.05
N THR A 69 -10.70 23.99 25.18
CA THR A 69 -10.81 25.31 25.78
C THR A 69 -9.74 26.23 25.13
N ARG A 70 -8.46 26.09 25.53
CA ARG A 70 -7.27 26.86 25.12
C ARG A 70 -7.05 26.91 23.60
N TYR A 71 -7.19 28.09 22.99
CA TYR A 71 -6.97 28.32 21.57
C TYR A 71 -5.47 28.60 21.35
N GLU A 72 -4.74 27.70 20.65
CA GLU A 72 -3.33 27.91 20.35
C GLU A 72 -3.14 28.42 18.93
N ARG A 73 -2.59 29.66 18.82
CA ARG A 73 -2.39 30.48 17.60
C ARG A 73 -2.04 29.67 16.33
N ASN A 74 -0.76 29.53 16.01
CA ASN A 74 -0.35 28.83 14.81
C ASN A 74 -0.07 27.39 15.14
N ILE A 75 -1.13 26.68 15.52
CA ILE A 75 -1.12 25.26 15.83
C ILE A 75 -2.40 24.77 15.19
N GLU A 76 -3.55 25.20 15.75
CA GLU A 76 -4.90 24.83 15.34
C GLU A 76 -5.44 25.70 14.22
N LYS A 77 -6.15 25.08 13.28
CA LYS A 77 -6.72 25.70 12.10
C LYS A 77 -8.20 25.44 12.04
N ILE A 78 -8.96 26.44 11.71
CA ILE A 78 -10.43 26.40 11.62
C ILE A 78 -10.78 26.58 10.14
N SER A 79 -11.42 25.58 9.52
CA SER A 79 -11.80 25.64 8.11
C SER A 79 -13.32 25.49 7.90
N MET A 80 -13.81 26.08 6.80
CA MET A 80 -15.21 25.97 6.39
C MET A 80 -15.27 25.02 5.23
N LEU A 81 -16.46 24.48 4.93
CA LEU A 81 -16.58 23.46 3.90
C LEU A 81 -17.30 23.90 2.65
N GLU A 82 -16.79 23.40 1.51
CA GLU A 82 -17.27 23.66 0.16
C GLU A 82 -18.49 22.80 -0.16
N LYS A 83 -18.40 21.50 0.10
CA LYS A 83 -19.47 20.54 -0.17
C LYS A 83 -19.36 19.33 0.76
N ILE A 84 -20.51 18.66 0.99
CA ILE A 84 -20.68 17.48 1.82
C ILE A 84 -21.17 16.31 0.96
N TYR A 85 -20.66 15.09 1.22
CA TYR A 85 -21.02 13.88 0.48
C TYR A 85 -21.36 12.74 1.41
N ILE A 86 -22.66 12.52 1.61
CA ILE A 86 -23.25 11.43 2.42
C ILE A 86 -23.38 10.23 1.48
N HIS A 87 -23.26 9.00 2.00
CA HIS A 87 -23.37 7.83 1.14
C HIS A 87 -24.77 7.75 0.51
N PRO A 88 -24.89 7.49 -0.82
CA PRO A 88 -26.24 7.40 -1.41
C PRO A 88 -27.13 6.32 -0.80
N ARG A 89 -26.54 5.21 -0.33
CA ARG A 89 -27.27 4.07 0.25
C ARG A 89 -27.15 4.00 1.81
N TYR A 90 -26.91 5.16 2.46
CA TYR A 90 -26.80 5.25 3.92
C TYR A 90 -28.19 4.97 4.52
N ASN A 91 -28.36 3.82 5.22
CA ASN A 91 -29.67 3.43 5.77
C ASN A 91 -29.95 3.94 7.21
N TRP A 92 -30.57 5.13 7.33
CA TRP A 92 -30.87 5.74 8.64
C TRP A 92 -32.18 5.22 9.24
N ARG A 93 -33.08 4.79 8.34
CA ARG A 93 -34.41 4.25 8.65
C ARG A 93 -34.38 2.85 9.23
N GLU A 94 -33.20 2.20 9.38
CA GLU A 94 -33.21 0.83 9.86
C GLU A 94 -32.01 0.41 10.74
N ASN A 95 -30.74 0.70 10.35
CA ASN A 95 -29.61 0.16 11.12
C ASN A 95 -28.32 0.95 11.10
N LEU A 96 -28.31 2.12 10.42
CA LEU A 96 -27.18 3.06 10.24
C LEU A 96 -26.09 2.42 9.40
N ASP A 97 -26.55 1.64 8.39
CA ASP A 97 -25.67 0.94 7.44
C ASP A 97 -25.15 1.98 6.47
N ARG A 98 -23.85 1.87 6.11
CA ARG A 98 -23.14 2.80 5.20
C ARG A 98 -23.15 4.22 5.82
N ASP A 99 -22.91 4.28 7.15
CA ASP A 99 -22.83 5.50 7.92
C ASP A 99 -21.46 6.12 7.69
N ILE A 100 -21.30 6.79 6.54
CA ILE A 100 -20.09 7.44 6.09
C ILE A 100 -20.39 8.78 5.42
N ALA A 101 -19.49 9.75 5.59
CA ALA A 101 -19.63 11.09 5.00
C ALA A 101 -18.28 11.68 4.66
N LEU A 102 -18.23 12.48 3.59
CA LEU A 102 -17.02 13.18 3.16
C LEU A 102 -17.23 14.68 3.08
N MET A 103 -16.25 15.43 3.59
CA MET A 103 -16.29 16.87 3.67
C MET A 103 -15.15 17.49 2.92
N LYS A 104 -15.46 18.28 1.87
CA LYS A 104 -14.42 18.96 1.08
C LYS A 104 -14.25 20.37 1.70
N LEU A 105 -13.04 20.66 2.18
CA LEU A 105 -12.77 21.96 2.80
C LEU A 105 -12.75 23.02 1.71
N LYS A 106 -13.21 24.26 2.04
CA LYS A 106 -13.24 25.39 1.10
C LYS A 106 -11.84 25.78 0.67
N LYS A 107 -10.82 25.48 1.52
CA LYS A 107 -9.40 25.68 1.26
C LYS A 107 -8.55 24.53 1.82
N PRO A 108 -7.50 24.04 1.12
CA PRO A 108 -6.69 22.95 1.71
C PRO A 108 -5.96 23.40 2.97
N VAL A 109 -5.69 22.43 3.86
CA VAL A 109 -4.96 22.67 5.10
C VAL A 109 -3.51 22.26 4.95
N ALA A 110 -2.60 23.14 5.36
CA ALA A 110 -1.18 22.84 5.32
C ALA A 110 -0.87 21.87 6.46
N PHE A 111 0.02 20.90 6.22
CA PHE A 111 0.38 19.95 7.28
C PHE A 111 1.49 20.52 8.17
N SER A 112 1.58 20.03 9.41
CA SER A 112 2.53 20.49 10.42
C SER A 112 2.96 19.33 11.31
N ASP A 113 3.41 19.66 12.53
CA ASP A 113 3.80 18.67 13.53
C ASP A 113 2.55 18.19 14.27
N TYR A 114 1.41 18.90 14.08
CA TYR A 114 0.10 18.67 14.71
C TYR A 114 -1.02 18.35 13.71
N ILE A 115 -0.94 18.86 12.47
CA ILE A 115 -1.91 18.56 11.40
C ILE A 115 -1.21 17.60 10.42
N HIS A 116 -1.77 16.40 10.21
CA HIS A 116 -1.19 15.36 9.34
C HIS A 116 -2.23 14.31 8.99
N PRO A 117 -2.37 13.86 7.72
CA PRO A 117 -3.45 12.92 7.41
C PRO A 117 -3.20 11.46 7.78
N VAL A 118 -4.29 10.65 7.86
CA VAL A 118 -4.26 9.23 8.19
C VAL A 118 -4.28 8.40 6.90
N CYS A 119 -3.89 7.11 6.97
CA CYS A 119 -3.90 6.22 5.80
C CYS A 119 -5.22 5.51 5.73
N LEU A 120 -5.74 5.33 4.52
CA LEU A 120 -6.95 4.54 4.29
C LEU A 120 -6.53 3.10 3.93
N PRO A 121 -7.09 2.08 4.60
CA PRO A 121 -6.60 0.71 4.38
C PRO A 121 -6.78 0.13 2.99
N ASP A 122 -5.94 -0.86 2.64
CA ASP A 122 -5.98 -1.58 1.37
C ASP A 122 -6.50 -3.01 1.54
N ARG A 123 -6.68 -3.74 0.42
CA ARG A 123 -7.18 -5.12 0.38
C ARG A 123 -6.55 -5.96 1.49
N GLU A 124 -5.20 -6.03 1.49
CA GLU A 124 -4.31 -6.80 2.38
C GLU A 124 -4.33 -6.30 3.80
N THR A 125 -4.23 -4.97 3.99
CA THR A 125 -4.24 -4.33 5.30
C THR A 125 -5.48 -4.71 6.06
N ALA A 126 -6.66 -4.44 5.47
CA ALA A 126 -7.96 -4.74 6.08
C ALA A 126 -8.17 -6.23 6.39
N ALA A 127 -7.86 -7.13 5.42
CA ALA A 127 -8.00 -8.57 5.58
C ALA A 127 -7.13 -9.10 6.73
N SER A 128 -5.92 -8.59 6.88
CA SER A 128 -4.97 -9.00 7.91
C SER A 128 -5.21 -8.43 9.32
N LEU A 129 -5.53 -7.13 9.44
CA LEU A 129 -5.73 -6.52 10.76
C LEU A 129 -7.18 -6.50 11.25
N LEU A 130 -8.19 -6.45 10.36
CA LEU A 130 -9.60 -6.39 10.79
C LEU A 130 -10.04 -7.78 11.24
N GLN A 131 -9.43 -8.24 12.35
CA GLN A 131 -9.61 -9.55 12.92
C GLN A 131 -9.73 -9.45 14.42
N ALA A 132 -10.70 -10.20 14.96
CA ALA A 132 -11.02 -10.23 16.38
C ALA A 132 -9.84 -10.57 17.26
N GLY A 133 -9.64 -9.75 18.28
CA GLY A 133 -8.60 -9.93 19.28
C GLY A 133 -7.57 -8.83 19.31
N TYR A 134 -7.32 -8.23 18.12
CA TYR A 134 -6.39 -7.13 17.82
C TYR A 134 -6.98 -5.85 18.36
N LYS A 135 -6.13 -4.96 18.92
CA LYS A 135 -6.58 -3.69 19.50
C LYS A 135 -6.35 -2.54 18.57
N GLY A 136 -7.37 -1.70 18.49
CA GLY A 136 -7.37 -0.47 17.71
C GLY A 136 -7.51 0.69 18.67
N ARG A 137 -7.49 1.93 18.16
CA ARG A 137 -7.54 3.09 19.02
C ARG A 137 -8.64 4.09 18.71
N VAL A 138 -9.58 4.30 19.66
CA VAL A 138 -10.63 5.33 19.52
C VAL A 138 -10.16 6.61 20.22
N THR A 139 -10.54 7.77 19.64
CA THR A 139 -10.17 9.12 20.07
C THR A 139 -11.33 10.13 19.91
N GLY A 140 -11.44 11.07 20.85
CA GLY A 140 -12.48 12.10 20.77
C GLY A 140 -12.64 12.96 21.99
N TRP A 141 -13.42 14.05 21.85
CA TRP A 141 -13.72 15.00 22.93
C TRP A 141 -15.20 14.86 23.39
N GLY A 142 -15.74 13.66 23.19
CA GLY A 142 -17.12 13.33 23.57
C GLY A 142 -17.21 13.07 25.05
N ASN A 143 -18.44 12.86 25.56
CA ASN A 143 -18.70 12.66 26.98
C ASN A 143 -17.81 11.63 27.65
N LEU A 144 -17.38 11.94 28.87
CA LEU A 144 -16.48 11.11 29.67
C LEU A 144 -17.17 9.89 30.30
N LYS A 145 -18.51 9.97 30.44
CA LYS A 145 -19.44 8.97 30.98
C LYS A 145 -20.81 9.18 30.30
N GLU A 146 -21.74 8.21 30.43
CA GLU A 146 -23.13 8.29 29.91
C GLU A 146 -24.00 9.31 30.72
N THR A 147 -25.24 9.58 30.26
CA THR A 147 -26.23 10.47 30.93
C THR A 147 -27.07 9.66 31.93
N GLY A 155 -20.37 16.60 31.36
CA GLY A 155 -19.28 15.63 31.37
C GLY A 155 -18.48 15.59 30.08
N GLN A 156 -17.82 16.72 29.73
CA GLN A 156 -17.01 16.90 28.52
C GLN A 156 -15.53 17.12 28.92
N PRO A 157 -14.54 16.57 28.14
CA PRO A 157 -13.12 16.73 28.50
C PRO A 157 -12.47 17.98 27.94
N SER A 158 -11.33 18.39 28.56
CA SER A 158 -10.50 19.53 28.14
C SER A 158 -9.54 19.07 27.03
N VAL A 159 -8.75 18.03 27.32
CA VAL A 159 -7.78 17.47 26.38
C VAL A 159 -8.39 16.29 25.61
N LEU A 160 -7.89 16.08 24.37
CA LEU A 160 -8.34 14.95 23.55
C LEU A 160 -8.17 13.65 24.31
N GLN A 161 -9.19 12.79 24.30
CA GLN A 161 -9.15 11.50 24.99
C GLN A 161 -8.81 10.39 24.03
N VAL A 162 -8.25 9.29 24.55
CA VAL A 162 -7.84 8.11 23.80
C VAL A 162 -8.08 6.83 24.59
N VAL A 163 -8.69 5.83 23.93
CA VAL A 163 -8.92 4.50 24.46
C VAL A 163 -8.42 3.45 23.42
N ASN A 164 -7.89 2.31 23.91
CA ASN A 164 -7.42 1.22 23.05
C ASN A 164 -8.39 0.07 23.24
N LEU A 165 -9.11 -0.29 22.18
CA LEU A 165 -10.17 -1.31 22.28
C LEU A 165 -9.96 -2.50 21.34
N PRO A 166 -10.17 -3.75 21.81
CA PRO A 166 -10.02 -4.90 20.92
C PRO A 166 -11.26 -5.15 20.06
N ILE A 167 -11.06 -5.67 18.84
CA ILE A 167 -12.10 -6.02 17.87
C ILE A 167 -12.80 -7.31 18.36
N VAL A 168 -14.15 -7.26 18.49
CA VAL A 168 -15.01 -8.37 18.95
C VAL A 168 -15.46 -9.21 17.74
N GLU A 169 -15.58 -10.55 17.94
CA GLU A 169 -16.02 -11.55 16.96
C GLU A 169 -17.39 -11.17 16.48
N ARG A 170 -17.56 -11.13 15.15
CA ARG A 170 -18.81 -10.78 14.48
C ARG A 170 -20.01 -11.48 15.10
N PRO A 171 -19.98 -12.80 15.45
CA PRO A 171 -21.13 -13.45 16.11
C PRO A 171 -21.42 -12.89 17.51
N VAL A 172 -20.39 -12.44 18.25
CA VAL A 172 -20.56 -11.81 19.57
C VAL A 172 -21.31 -10.48 19.40
N CYS A 173 -20.89 -9.60 18.41
CA CYS A 173 -21.50 -8.30 18.05
C CYS A 173 -22.99 -8.52 17.76
N LYS A 174 -23.27 -9.47 16.85
CA LYS A 174 -24.59 -9.82 16.39
C LYS A 174 -25.54 -10.15 17.55
N ASP A 175 -25.11 -11.07 18.44
CA ASP A 175 -25.87 -11.52 19.60
C ASP A 175 -25.96 -10.49 20.73
N SER A 176 -25.13 -9.42 20.69
CA SER A 176 -25.16 -8.37 21.72
C SER A 176 -26.21 -7.28 21.44
N THR A 177 -26.75 -7.22 20.20
CA THR A 177 -27.76 -6.24 19.73
C THR A 177 -28.98 -6.86 19.01
N ARG A 178 -30.01 -6.02 18.79
CA ARG A 178 -31.28 -6.31 18.11
C ARG A 178 -31.30 -5.87 16.65
N ILE A 179 -30.35 -5.00 16.29
CA ILE A 179 -30.15 -4.36 15.00
C ILE A 179 -29.38 -5.28 14.02
N ARG A 180 -29.81 -5.25 12.73
CA ARG A 180 -29.20 -6.01 11.64
C ARG A 180 -27.80 -5.47 11.35
N ILE A 181 -26.79 -6.26 11.74
CA ILE A 181 -25.37 -5.91 11.52
C ILE A 181 -24.97 -6.37 10.12
N THR A 182 -24.43 -5.44 9.32
CA THR A 182 -24.01 -5.66 7.94
C THR A 182 -22.48 -5.68 7.85
N ASP A 183 -21.96 -6.22 6.75
CA ASP A 183 -20.53 -6.35 6.50
C ASP A 183 -19.85 -5.02 6.52
N ASN A 184 -20.59 -3.93 6.29
CA ASN A 184 -20.07 -2.54 6.32
C ASN A 184 -20.03 -1.99 7.81
N MET A 185 -20.09 -2.90 8.81
CA MET A 185 -19.98 -2.60 10.23
C MET A 185 -19.07 -3.62 10.85
N PHE A 186 -18.44 -3.25 11.95
CA PHE A 186 -17.62 -4.11 12.80
C PHE A 186 -17.74 -3.57 14.23
N CYS A 187 -17.53 -4.40 15.24
CA CYS A 187 -17.67 -3.83 16.57
C CYS A 187 -16.39 -4.02 17.39
N ALA A 188 -16.25 -3.25 18.46
CA ALA A 188 -15.05 -3.34 19.28
C ALA A 188 -15.37 -2.99 20.70
N GLY A 189 -14.63 -3.55 21.64
CA GLY A 189 -14.82 -3.28 23.05
C GLY A 189 -14.45 -4.45 23.91
N TYR A 190 -14.32 -4.24 25.23
CA TYR A 190 -13.98 -5.35 26.09
C TYR A 190 -15.22 -6.09 26.59
N LYS A 191 -15.06 -7.40 26.81
CA LYS A 191 -16.12 -8.29 27.25
C LYS A 191 -16.26 -8.16 28.78
N PRO A 192 -17.42 -8.55 29.39
CA PRO A 192 -17.57 -8.36 30.84
C PRO A 192 -16.48 -8.97 31.72
N ASP A 193 -15.92 -10.12 31.34
CA ASP A 193 -14.87 -10.72 32.14
C ASP A 193 -13.44 -10.36 31.66
N GLU A 194 -13.29 -9.40 30.73
CA GLU A 194 -11.95 -9.04 30.24
C GLU A 194 -11.17 -8.10 31.19
N GLY A 195 -11.79 -7.67 32.29
CA GLY A 195 -11.17 -6.83 33.31
C GLY A 195 -10.76 -5.43 32.87
N LYS A 196 -11.15 -5.03 31.66
CA LYS A 196 -10.87 -3.70 31.14
C LYS A 196 -12.16 -3.13 30.57
N ARG A 197 -12.23 -1.80 30.47
CA ARG A 197 -13.39 -1.04 29.99
C ARG A 197 -12.94 -0.03 28.92
N GLY A 198 -13.91 0.78 28.48
CA GLY A 198 -13.70 1.85 27.52
C GLY A 198 -14.68 1.77 26.38
N ASP A 199 -15.08 2.92 25.85
CA ASP A 199 -15.98 3.04 24.71
C ASP A 199 -16.03 4.49 24.31
N ALA A 200 -16.62 4.79 23.16
CA ALA A 200 -16.78 6.17 22.78
C ALA A 200 -18.14 6.58 23.38
N CYS A 201 -18.45 7.87 23.35
CA CYS A 201 -19.72 8.33 23.89
C CYS A 201 -20.29 9.44 23.04
N GLU A 202 -21.44 10.02 23.46
CA GLU A 202 -22.05 11.14 22.76
C GLU A 202 -20.94 12.16 22.49
N GLY A 203 -20.72 12.44 21.22
CA GLY A 203 -19.72 13.40 20.79
C GLY A 203 -18.56 12.82 20.04
N ASP A 204 -18.19 11.55 20.31
CA ASP A 204 -17.09 10.83 19.64
C ASP A 204 -17.52 10.19 18.31
N SER A 205 -18.81 10.31 17.93
CA SER A 205 -19.44 9.81 16.68
C SER A 205 -18.75 10.48 15.54
N GLY A 206 -18.60 9.78 14.44
CA GLY A 206 -17.85 10.26 13.28
C GLY A 206 -16.33 10.21 13.42
N GLY A 207 -15.85 9.96 14.63
CA GLY A 207 -14.44 9.93 14.99
C GLY A 207 -13.69 8.75 14.41
N PRO A 208 -12.35 8.71 14.51
CA PRO A 208 -11.60 7.59 13.94
C PRO A 208 -11.21 6.41 14.82
N PHE A 209 -11.40 5.18 14.30
CA PHE A 209 -10.87 3.94 14.89
C PHE A 209 -9.65 3.59 14.01
N VAL A 210 -8.44 3.75 14.59
CA VAL A 210 -7.23 3.51 13.86
C VAL A 210 -6.49 2.27 14.33
N MET A 211 -5.45 1.88 13.56
CA MET A 211 -4.58 0.76 13.81
C MET A 211 -3.18 1.00 13.25
N LYS A 212 -2.14 0.54 13.95
CA LYS A 212 -0.77 0.68 13.48
C LYS A 212 -0.39 -0.61 12.76
N SER A 213 0.02 -0.47 11.50
CA SER A 213 0.37 -1.60 10.68
C SER A 213 1.69 -2.18 11.17
N PRO A 214 1.69 -3.47 11.58
CA PRO A 214 2.94 -4.10 12.01
C PRO A 214 3.89 -4.25 10.84
N PHE A 215 3.33 -4.09 9.62
CA PHE A 215 3.99 -4.21 8.34
C PHE A 215 4.83 -2.99 7.98
N ASN A 216 4.28 -1.76 8.14
CA ASN A 216 4.95 -0.54 7.75
C ASN A 216 4.91 0.63 8.77
N ASN A 217 4.53 0.39 10.04
CA ASN A 217 4.44 1.42 11.08
C ASN A 217 3.55 2.62 10.72
N ARG A 218 2.61 2.43 9.78
CA ARG A 218 1.67 3.48 9.37
C ARG A 218 0.32 3.30 10.02
N TRP A 219 -0.25 4.43 10.47
CA TRP A 219 -1.57 4.42 11.10
C TRP A 219 -2.65 4.46 10.04
N TYR A 220 -3.49 3.40 10.05
CA TYR A 220 -4.58 3.18 9.11
C TYR A 220 -5.89 3.42 9.80
N GLN A 221 -6.84 4.13 9.16
CA GLN A 221 -8.16 4.32 9.79
C GLN A 221 -9.08 3.20 9.34
N MET A 222 -9.30 2.19 10.23
CA MET A 222 -10.11 0.98 9.98
C MET A 222 -11.60 1.18 10.06
N GLY A 223 -11.99 2.07 10.97
CA GLY A 223 -13.39 2.38 11.21
C GLY A 223 -13.69 3.83 11.47
N ILE A 224 -14.99 4.11 11.58
CA ILE A 224 -15.57 5.41 11.91
C ILE A 224 -16.54 5.10 13.04
N VAL A 225 -16.39 5.78 14.17
CA VAL A 225 -17.27 5.62 15.34
C VAL A 225 -18.73 5.89 14.91
N SER A 226 -19.52 4.81 14.74
CA SER A 226 -20.87 4.91 14.18
C SER A 226 -21.98 4.97 15.23
N TRP A 227 -22.31 3.82 15.82
CA TRP A 227 -23.39 3.75 16.81
C TRP A 227 -23.11 2.77 17.93
N GLY A 228 -23.99 2.80 18.90
CA GLY A 228 -23.94 1.97 20.09
C GLY A 228 -25.14 2.24 20.98
N GLU A 229 -25.47 1.23 21.86
CA GLU A 229 -26.53 1.28 22.86
C GLU A 229 -25.85 1.67 24.18
N GLY A 230 -25.94 2.95 24.52
CA GLY A 230 -25.28 3.50 25.69
C GLY A 230 -23.80 3.76 25.48
N CYS A 231 -23.05 3.77 26.59
CA CYS A 231 -21.61 4.02 26.60
C CYS A 231 -21.05 3.11 27.66
N ASP A 232 -20.08 2.27 27.29
CA ASP A 232 -19.36 1.36 28.19
C ASP A 232 -20.32 0.50 29.06
N ARG A 233 -21.41 0.01 28.46
CA ARG A 233 -22.35 -0.90 29.11
C ARG A 233 -21.82 -2.34 28.99
N ASP A 234 -21.92 -3.12 30.08
CA ASP A 234 -21.45 -4.52 30.12
C ASP A 234 -22.27 -5.40 29.16
N GLY A 235 -21.59 -6.02 28.22
CA GLY A 235 -22.23 -6.87 27.24
C GLY A 235 -22.62 -6.10 25.99
N LYS A 236 -22.27 -4.82 25.96
CA LYS A 236 -22.56 -3.98 24.81
C LYS A 236 -21.24 -3.51 24.25
N TYR A 237 -21.15 -3.45 22.93
CA TYR A 237 -19.93 -3.06 22.23
C TYR A 237 -20.16 -1.87 21.27
N GLY A 238 -19.09 -1.18 20.95
CA GLY A 238 -19.19 -0.06 20.02
C GLY A 238 -19.25 -0.55 18.59
N PHE A 239 -20.13 0.04 17.75
CA PHE A 239 -20.19 -0.33 16.34
C PHE A 239 -19.49 0.70 15.44
N TYR A 240 -18.64 0.24 14.50
CA TYR A 240 -17.85 1.12 13.64
C TYR A 240 -18.03 0.81 12.16
N THR A 241 -18.06 1.89 11.32
CA THR A 241 -18.22 1.84 9.87
C THR A 241 -16.98 1.22 9.30
N HIS A 242 -17.13 0.15 8.53
CA HIS A 242 -16.04 -0.63 7.92
C HIS A 242 -15.44 0.17 6.76
N VAL A 243 -14.50 1.06 7.05
CA VAL A 243 -13.90 1.97 6.06
C VAL A 243 -13.61 1.27 4.73
N PHE A 244 -12.82 0.17 4.75
CA PHE A 244 -12.41 -0.55 3.53
C PHE A 244 -13.57 -0.95 2.63
N ARG A 245 -14.63 -1.53 3.22
CA ARG A 245 -15.85 -1.99 2.51
C ARG A 245 -16.47 -0.86 1.66
N LEU A 246 -16.11 0.41 1.95
CA LEU A 246 -16.64 1.56 1.28
C LEU A 246 -15.57 2.42 0.60
N LYS A 247 -14.28 1.94 0.56
CA LYS A 247 -13.17 2.68 -0.03
C LYS A 247 -13.43 3.02 -1.51
N LYS A 248 -14.19 2.15 -2.21
CA LYS A 248 -14.60 2.27 -3.61
C LYS A 248 -15.47 3.54 -3.80
N TRP A 249 -16.35 3.85 -2.82
CA TRP A 249 -17.18 5.04 -2.82
C TRP A 249 -16.31 6.27 -2.50
N ILE A 250 -15.55 6.23 -1.36
CA ILE A 250 -14.60 7.29 -0.93
C ILE A 250 -13.77 7.79 -2.15
N GLN A 251 -13.24 6.84 -2.94
CA GLN A 251 -12.45 7.07 -4.13
C GLN A 251 -13.21 7.89 -5.16
N LYS A 252 -14.40 7.42 -5.59
CA LYS A 252 -15.26 8.09 -6.57
C LYS A 252 -15.60 9.54 -6.21
N VAL A 253 -15.97 9.82 -4.94
CA VAL A 253 -16.28 11.19 -4.50
C VAL A 253 -15.01 12.08 -4.58
N ILE A 254 -13.85 11.58 -4.09
CA ILE A 254 -12.57 12.29 -4.13
C ILE A 254 -12.14 12.54 -5.57
N ASP A 255 -12.23 11.51 -6.44
CA ASP A 255 -11.82 11.57 -7.85
C ASP A 255 -12.84 12.30 -8.77
N GLN A 256 -14.09 12.49 -8.31
CA GLN A 256 -15.11 13.20 -9.09
C GLN A 256 -15.12 14.71 -8.78
N PHE A 257 -14.56 15.11 -7.61
CA PHE A 257 -14.58 16.50 -7.10
C PHE A 257 -13.22 16.96 -6.58
N ALA B 1 -0.26 9.80 0.85
CA ALA B 1 1.06 9.81 0.22
C ALA B 1 2.22 9.50 1.22
N ASP B 2 2.23 10.21 2.35
CA ASP B 2 3.21 10.10 3.42
C ASP B 2 2.42 10.04 4.75
N CYS B 3 1.16 9.61 4.62
CA CYS B 3 0.14 9.45 5.66
C CYS B 3 0.55 8.52 6.77
N GLY B 4 -0.20 8.57 7.87
CA GLY B 4 -0.08 7.69 9.02
C GLY B 4 1.28 7.63 9.68
N LEU B 5 2.09 8.66 9.46
CA LEU B 5 3.41 8.77 10.02
C LEU B 5 3.43 10.07 10.77
N ARG B 6 3.13 9.98 12.07
CA ARG B 6 3.06 11.12 12.96
C ARG B 6 4.37 11.89 13.05
N PRO B 7 4.34 13.21 12.74
CA PRO B 7 5.57 14.02 12.77
C PRO B 7 6.27 14.06 14.11
N LEU B 8 5.51 13.98 15.22
CA LEU B 8 6.12 14.02 16.54
C LEU B 8 6.46 12.61 17.07
N PHE B 9 5.96 11.55 16.39
CA PHE B 9 6.23 10.17 16.81
C PHE B 9 7.02 9.35 15.77
N GLU B 10 6.36 8.74 14.76
CA GLU B 10 7.02 7.92 13.73
C GLU B 10 8.18 8.63 13.00
N LYS B 11 7.99 9.91 12.62
CA LYS B 11 9.04 10.68 11.92
C LYS B 11 10.21 10.94 12.86
N LYS B 12 9.92 11.47 14.08
CA LYS B 12 10.93 11.74 15.11
C LYS B 12 11.53 10.46 15.75
N SER B 13 11.03 9.27 15.36
CA SER B 13 11.42 7.93 15.83
C SER B 13 11.14 7.75 17.33
N LEU B 14 9.86 7.99 17.71
CA LEU B 14 9.35 7.90 19.07
C LEU B 14 8.01 7.17 19.12
N GLU B 15 7.79 6.40 20.20
CA GLU B 15 6.57 5.62 20.46
C GLU B 15 5.65 6.36 21.42
N ASP B 16 4.35 6.36 21.15
CA ASP B 16 3.42 6.98 22.07
C ASP B 16 3.23 6.01 23.26
N LYS B 17 2.97 6.56 24.46
CA LYS B 17 2.86 5.83 25.73
C LYS B 17 2.12 4.48 25.68
N THR B 18 1.14 4.29 24.75
CA THR B 18 0.36 3.05 24.67
C THR B 18 0.32 2.33 23.31
N GLU B 19 1.17 2.68 22.32
CA GLU B 19 1.08 2.01 21.02
C GLU B 19 1.55 0.54 21.08
N ARG B 20 2.41 0.16 22.06
CA ARG B 20 2.88 -1.22 22.19
C ARG B 20 1.72 -2.17 22.43
N GLU B 21 0.70 -1.74 23.20
CA GLU B 21 -0.53 -2.49 23.50
C GLU B 21 -1.16 -3.03 22.21
N LEU B 22 -1.24 -2.14 21.19
CA LEU B 22 -1.78 -2.44 19.86
C LEU B 22 -0.93 -3.50 19.17
N LEU B 23 0.37 -3.20 18.92
CA LEU B 23 1.28 -4.13 18.27
C LEU B 23 1.35 -5.48 19.00
N GLU B 24 1.30 -5.46 20.36
CA GLU B 24 1.33 -6.65 21.22
C GLU B 24 0.15 -7.57 20.92
N SER B 25 -1.05 -6.97 20.68
CA SER B 25 -2.30 -7.69 20.42
C SER B 25 -2.24 -8.57 19.16
N TYR B 26 -1.30 -8.29 18.26
CA TYR B 26 -1.06 -9.04 17.01
C TYR B 26 -0.27 -10.36 17.27
N ILE B 27 -0.08 -10.72 18.54
CA ILE B 27 0.67 -11.91 18.93
C ILE B 27 -0.18 -12.79 19.84
N ILE C 1 9.89 -9.26 -2.90
CA ILE C 1 10.90 -10.32 -3.00
C ILE C 1 10.98 -11.06 -1.66
N VAL C 2 10.80 -12.41 -1.71
CA VAL C 2 10.86 -13.35 -0.57
C VAL C 2 12.30 -13.82 -0.42
N GLU C 3 12.78 -13.88 0.84
CA GLU C 3 14.13 -14.24 1.32
C GLU C 3 15.26 -13.41 0.63
N GLY C 4 14.95 -12.16 0.29
CA GLY C 4 15.90 -11.21 -0.30
C GLY C 4 16.28 -10.15 0.70
N SER C 5 17.09 -9.17 0.30
CA SER C 5 17.50 -8.10 1.20
C SER C 5 17.45 -6.69 0.58
N ASP C 6 17.66 -5.66 1.40
CA ASP C 6 17.66 -4.26 1.00
C ASP C 6 18.73 -3.95 -0.06
N ALA C 7 18.34 -3.23 -1.10
CA ALA C 7 19.28 -2.85 -2.15
C ALA C 7 20.15 -1.66 -1.68
N GLU C 8 21.31 -1.48 -2.33
CA GLU C 8 22.26 -0.38 -2.10
C GLU C 8 21.76 0.79 -2.93
N ILE C 9 22.15 2.03 -2.55
CA ILE C 9 21.70 3.21 -3.28
C ILE C 9 22.20 3.11 -4.74
N GLY C 10 21.24 3.09 -5.67
CA GLY C 10 21.50 2.94 -7.10
C GLY C 10 22.16 1.63 -7.47
N MET C 11 21.66 0.49 -6.90
CA MET C 11 22.16 -0.89 -7.14
C MET C 11 21.43 -1.54 -8.34
N SER C 12 20.27 -0.98 -8.73
CA SER C 12 19.50 -1.42 -9.91
C SER C 12 18.98 -0.13 -10.54
N PRO C 13 19.85 0.61 -11.28
CA PRO C 13 19.43 1.92 -11.83
C PRO C 13 18.41 1.90 -12.97
N TRP C 14 18.17 0.73 -13.55
CA TRP C 14 17.24 0.51 -14.66
C TRP C 14 15.89 0.12 -14.12
N GLN C 15 15.81 -0.16 -12.81
CA GLN C 15 14.58 -0.55 -12.12
C GLN C 15 13.49 0.52 -12.26
N VAL C 16 12.33 0.09 -12.76
CA VAL C 16 11.13 0.92 -12.98
C VAL C 16 9.94 0.35 -12.13
N MET C 17 8.97 1.23 -11.84
CA MET C 17 7.75 0.92 -11.12
C MET C 17 6.57 1.29 -12.00
N LEU C 18 5.69 0.31 -12.26
CA LEU C 18 4.46 0.53 -13.02
C LEU C 18 3.31 0.80 -12.03
N PHE C 19 2.67 1.97 -12.19
CA PHE C 19 1.56 2.41 -11.35
C PHE C 19 0.29 2.56 -12.14
N ARG C 20 -0.84 2.36 -11.46
CA ARG C 20 -2.16 2.65 -12.00
C ARG C 20 -2.28 4.14 -11.71
N LYS C 21 -3.03 4.88 -12.53
CA LYS C 21 -3.21 6.30 -12.30
C LYS C 21 -4.31 6.56 -11.29
N SER C 22 -5.53 5.98 -11.52
CA SER C 22 -6.69 6.15 -10.63
C SER C 22 -7.29 4.80 -10.12
N PRO C 23 -7.07 4.42 -8.82
CA PRO C 23 -6.25 5.11 -7.80
C PRO C 23 -4.77 4.81 -8.00
N GLN C 24 -3.94 5.51 -7.25
CA GLN C 24 -2.51 5.30 -7.29
C GLN C 24 -2.20 4.01 -6.55
N GLU C 25 -1.69 3.03 -7.30
CA GLU C 25 -1.30 1.74 -6.74
C GLU C 25 -0.16 1.06 -7.52
N LEU C 26 0.74 0.37 -6.81
CA LEU C 26 1.84 -0.36 -7.44
C LEU C 26 1.25 -1.58 -8.15
N LEU C 27 1.54 -1.71 -9.45
CA LEU C 27 1.04 -2.83 -10.24
C LEU C 27 2.14 -3.86 -10.39
N CYS C 28 3.19 -3.49 -11.12
CA CYS C 28 4.32 -4.33 -11.45
C CYS C 28 5.62 -3.60 -11.30
N GLY C 29 6.71 -4.33 -11.45
CA GLY C 29 8.07 -3.78 -11.56
C GLY C 29 8.31 -3.60 -13.06
N ALA C 30 9.44 -3.02 -13.45
CA ALA C 30 9.79 -2.89 -14.89
C ALA C 30 11.27 -2.57 -15.10
N SER C 31 11.70 -2.31 -16.35
CA SER C 31 13.09 -2.01 -16.62
C SER C 31 13.27 -1.00 -17.72
N LEU C 32 14.27 -0.11 -17.55
CA LEU C 32 14.67 0.93 -18.50
C LEU C 32 15.70 0.29 -19.41
N ILE C 33 15.41 0.28 -20.70
CA ILE C 33 16.31 -0.32 -21.68
C ILE C 33 16.96 0.72 -22.60
N SER C 34 16.47 1.99 -22.57
CA SER C 34 16.96 3.16 -23.34
C SER C 34 16.39 4.46 -22.74
N ASP C 35 16.53 5.60 -23.43
CA ASP C 35 15.99 6.89 -22.98
C ASP C 35 14.45 6.97 -22.97
N ARG C 36 13.76 6.28 -23.92
CA ARG C 36 12.28 6.28 -24.05
C ARG C 36 11.59 4.91 -23.88
N TRP C 37 12.35 3.78 -23.88
CA TRP C 37 11.72 2.46 -23.79
C TRP C 37 11.85 1.76 -22.45
N VAL C 38 10.70 1.25 -21.97
CA VAL C 38 10.55 0.47 -20.73
C VAL C 38 10.04 -0.92 -21.14
N LEU C 39 10.48 -1.96 -20.42
CA LEU C 39 10.16 -3.33 -20.72
C LEU C 39 9.61 -4.02 -19.47
N THR C 40 8.29 -4.24 -19.43
CA THR C 40 7.60 -4.96 -18.35
C THR C 40 7.06 -6.30 -18.94
N ALA C 41 6.26 -7.06 -18.16
CA ALA C 41 5.62 -8.29 -18.63
C ALA C 41 4.22 -7.90 -19.11
N ALA C 42 3.70 -8.61 -20.13
CA ALA C 42 2.38 -8.39 -20.74
C ALA C 42 1.23 -8.55 -19.76
N HIS C 43 1.26 -9.60 -18.93
CA HIS C 43 0.21 -9.92 -17.96
C HIS C 43 -0.10 -8.74 -17.00
N CYS C 44 0.84 -7.80 -16.87
CA CYS C 44 0.70 -6.59 -16.07
C CYS C 44 -0.32 -5.64 -16.67
N LEU C 45 -0.40 -5.62 -17.99
CA LEU C 45 -1.29 -4.73 -18.74
C LEU C 45 -2.53 -5.43 -19.22
N LEU C 46 -2.36 -6.68 -19.69
CA LEU C 46 -3.44 -7.47 -20.24
C LEU C 46 -3.55 -8.86 -19.63
N TYR C 47 -4.67 -9.07 -18.92
CA TYR C 47 -5.09 -10.33 -18.32
C TYR C 47 -6.63 -10.37 -18.27
N PRO C 48 -7.27 -10.69 -19.41
CA PRO C 48 -8.74 -10.69 -19.48
C PRO C 48 -9.51 -11.49 -18.42
N PRO C 49 -9.04 -12.66 -17.89
CA PRO C 49 -9.82 -13.35 -16.86
C PRO C 49 -10.06 -12.53 -15.57
N TRP C 50 -9.28 -11.45 -15.40
CA TRP C 50 -9.37 -10.56 -14.26
C TRP C 50 -9.68 -9.15 -14.77
N ASP C 51 -10.43 -9.06 -15.89
CA ASP C 51 -10.82 -7.83 -16.61
C ASP C 51 -9.71 -6.75 -16.63
N LYS C 52 -8.49 -7.20 -16.99
CA LYS C 52 -7.29 -6.39 -17.06
C LYS C 52 -6.97 -6.07 -18.51
N ASN C 53 -7.15 -4.80 -18.91
CA ASN C 53 -6.85 -4.30 -20.25
C ASN C 53 -6.55 -2.81 -20.05
N PHE C 54 -5.25 -2.51 -19.85
CA PHE C 54 -4.75 -1.16 -19.57
C PHE C 54 -4.36 -0.35 -20.78
N THR C 55 -4.89 0.88 -20.87
CA THR C 55 -4.51 1.83 -21.91
C THR C 55 -3.26 2.57 -21.40
N GLU C 56 -2.64 3.40 -22.25
CA GLU C 56 -1.45 4.17 -21.88
C GLU C 56 -1.86 5.22 -20.85
N ASN C 57 -3.11 5.71 -20.98
CA ASN C 57 -3.75 6.75 -20.19
C ASN C 57 -4.15 6.25 -18.80
N ASP C 58 -4.13 4.93 -18.61
CA ASP C 58 -4.46 4.31 -17.33
C ASP C 58 -3.24 4.27 -16.44
N LEU C 59 -2.04 4.23 -17.05
CA LEU C 59 -0.77 4.02 -16.34
C LEU C 59 0.19 5.19 -16.25
N LEU C 60 1.08 5.13 -15.24
CA LEU C 60 2.11 6.09 -14.86
C LEU C 60 3.34 5.28 -14.42
N VAL C 61 4.57 5.78 -14.70
CA VAL C 61 5.83 5.08 -14.42
C VAL C 61 6.76 5.94 -13.53
N ARG C 62 7.42 5.31 -12.53
CA ARG C 62 8.33 6.01 -11.60
C ARG C 62 9.72 5.38 -11.61
N ILE C 63 10.72 6.14 -12.06
CA ILE C 63 12.09 5.68 -12.21
C ILE C 63 13.02 6.38 -11.21
N GLY C 64 13.95 5.61 -10.63
CA GLY C 64 14.94 6.15 -9.70
C GLY C 64 14.61 6.10 -8.23
N LYS C 65 13.56 5.33 -7.84
CA LYS C 65 13.18 5.21 -6.43
C LYS C 65 14.00 4.16 -5.67
N HIS C 66 14.09 4.34 -4.34
CA HIS C 66 14.74 3.46 -3.39
C HIS C 66 13.70 3.17 -2.34
N SER C 67 13.16 4.25 -1.70
CA SER C 67 12.08 4.11 -0.72
C SER C 67 10.73 4.40 -1.39
N ARG C 68 9.88 3.33 -1.48
CA ARG C 68 8.50 3.19 -2.03
C ARG C 68 7.59 4.32 -1.49
N THR C 69 7.86 4.72 -0.23
CA THR C 69 7.14 5.72 0.51
C THR C 69 7.74 7.15 0.21
N ARG C 70 8.92 7.45 0.79
CA ARG C 70 9.66 8.71 0.71
C ARG C 70 9.93 9.19 -0.73
N TYR C 71 9.35 10.35 -1.09
CA TYR C 71 9.57 10.99 -2.38
C TYR C 71 10.96 11.63 -2.41
N GLU C 72 11.88 10.97 -3.11
CA GLU C 72 13.27 11.41 -3.23
C GLU C 72 13.41 12.43 -4.36
N ARG C 73 13.27 13.71 -3.98
CA ARG C 73 13.21 14.94 -4.79
C ARG C 73 14.02 14.95 -6.09
N ASN C 74 15.34 15.24 -6.05
CA ASN C 74 16.16 15.33 -7.27
C ASN C 74 16.77 13.98 -7.66
N ILE C 75 16.35 12.87 -7.02
CA ILE C 75 16.80 11.50 -7.29
C ILE C 75 15.93 10.89 -8.42
N GLU C 76 14.62 10.70 -8.12
CA GLU C 76 13.62 10.09 -8.98
C GLU C 76 12.98 10.97 -10.06
N LYS C 77 12.36 10.30 -11.06
CA LYS C 77 11.60 10.83 -12.18
C LYS C 77 10.28 10.05 -12.26
N ILE C 78 9.21 10.71 -12.72
CA ILE C 78 7.87 10.15 -12.89
C ILE C 78 7.50 10.49 -14.35
N SER C 79 7.26 9.47 -15.18
CA SER C 79 6.89 9.68 -16.59
C SER C 79 5.56 9.03 -16.96
N MET C 80 4.87 9.61 -17.96
CA MET C 80 3.63 9.06 -18.51
C MET C 80 3.96 8.44 -19.86
N LEU C 81 3.08 7.56 -20.36
CA LEU C 81 3.37 6.82 -21.58
C LEU C 81 2.58 7.21 -22.79
N GLU C 82 3.25 7.20 -23.94
CA GLU C 82 2.73 7.53 -25.25
C GLU C 82 1.94 6.37 -25.86
N LYS C 83 2.54 5.16 -25.84
CA LYS C 83 1.95 3.95 -26.40
C LYS C 83 2.50 2.69 -25.72
N ILE C 84 1.71 1.61 -25.73
CA ILE C 84 1.99 0.30 -25.14
C ILE C 84 2.01 -0.76 -26.26
N TYR C 85 2.95 -1.71 -26.18
CA TYR C 85 3.12 -2.78 -27.16
C TYR C 85 3.25 -4.14 -26.49
N ILE C 86 2.12 -4.88 -26.47
CA ILE C 86 2.01 -6.24 -25.92
C ILE C 86 2.37 -7.17 -27.08
N HIS C 87 2.97 -8.34 -26.79
CA HIS C 87 3.34 -9.27 -27.85
C HIS C 87 2.09 -9.75 -28.61
N PRO C 88 2.10 -9.76 -29.97
CA PRO C 88 0.91 -10.22 -30.70
C PRO C 88 0.50 -11.66 -30.39
N ARG C 89 1.47 -12.54 -30.08
CA ARG C 89 1.23 -13.96 -29.78
C ARG C 89 1.35 -14.30 -28.27
N TYR C 90 1.12 -13.31 -27.38
CA TYR C 90 1.14 -13.49 -25.93
C TYR C 90 -0.06 -14.38 -25.52
N ASN C 91 0.21 -15.62 -25.06
CA ASN C 91 -0.85 -16.57 -24.71
C ASN C 91 -1.31 -16.53 -23.24
N TRP C 92 -2.33 -15.72 -22.93
CA TRP C 92 -2.87 -15.57 -21.56
C TRP C 92 -3.89 -16.67 -21.20
N ARG C 93 -4.53 -17.21 -22.24
CA ARG C 93 -5.55 -18.26 -22.19
C ARG C 93 -4.99 -19.64 -21.85
N GLU C 94 -3.66 -19.80 -21.75
CA GLU C 94 -3.14 -21.14 -21.51
C GLU C 94 -1.88 -21.24 -20.62
N ASN C 95 -0.81 -20.44 -20.86
CA ASN C 95 0.42 -20.66 -20.08
C ASN C 95 1.29 -19.43 -19.84
N LEU C 96 0.85 -18.23 -20.27
CA LEU C 96 1.54 -16.92 -20.17
C LEU C 96 2.82 -16.91 -21.04
N ASP C 97 2.72 -17.58 -22.20
CA ASP C 97 3.79 -17.67 -23.17
C ASP C 97 3.88 -16.34 -23.88
N ARG C 98 5.13 -15.86 -24.13
CA ARG C 98 5.43 -14.57 -24.78
C ARG C 98 4.87 -13.40 -23.93
N ASP C 99 5.05 -13.54 -22.60
CA ASP C 99 4.64 -12.57 -21.60
C ASP C 99 5.67 -11.44 -21.58
N ILE C 100 5.57 -10.54 -22.57
CA ILE C 100 6.44 -9.39 -22.77
C ILE C 100 5.63 -8.16 -23.21
N ALA C 101 6.07 -6.97 -22.77
CA ALA C 101 5.42 -5.70 -23.11
C ALA C 101 6.44 -4.58 -23.19
N LEU C 102 6.19 -3.61 -24.10
CA LEU C 102 7.03 -2.45 -24.26
C LEU C 102 6.25 -1.15 -24.09
N MET C 103 6.85 -0.22 -23.34
CA MET C 103 6.24 1.05 -23.02
C MET C 103 7.07 2.20 -23.51
N LYS C 104 6.50 3.02 -24.43
CA LYS C 104 7.18 4.20 -24.96
C LYS C 104 6.78 5.39 -24.09
N LEU C 105 7.76 6.02 -23.44
CA LEU C 105 7.50 7.16 -22.57
C LEU C 105 7.10 8.36 -23.43
N LYS C 106 6.19 9.21 -22.90
CA LYS C 106 5.73 10.41 -23.61
C LYS C 106 6.89 11.42 -23.83
N LYS C 107 7.90 11.35 -22.94
CA LYS C 107 9.11 12.18 -22.95
C LYS C 107 10.32 11.34 -22.53
N PRO C 108 11.53 11.52 -23.13
CA PRO C 108 12.69 10.74 -22.68
C PRO C 108 13.14 11.11 -21.28
N VAL C 109 13.76 10.16 -20.58
CA VAL C 109 14.28 10.36 -19.23
C VAL C 109 15.77 10.59 -19.30
N ALA C 110 16.24 11.64 -18.61
CA ALA C 110 17.67 11.93 -18.55
C ALA C 110 18.32 10.92 -17.60
N PHE C 111 19.52 10.44 -17.93
CA PHE C 111 20.20 9.48 -17.05
C PHE C 111 20.97 10.23 -15.95
N SER C 112 21.23 9.55 -14.83
CA SER C 112 21.90 10.10 -13.66
C SER C 112 22.72 9.01 -12.95
N ASP C 113 22.96 9.22 -11.64
CA ASP C 113 23.67 8.27 -10.79
C ASP C 113 22.70 7.20 -10.32
N TYR C 114 21.37 7.44 -10.51
CA TYR C 114 20.24 6.60 -10.10
C TYR C 114 19.39 6.09 -11.26
N ILE C 115 19.30 6.84 -12.37
CA ILE C 115 18.57 6.44 -13.58
C ILE C 115 19.64 6.07 -14.64
N HIS C 116 19.61 4.82 -15.15
CA HIS C 116 20.58 4.31 -16.14
C HIS C 116 20.03 3.04 -16.80
N PRO C 117 20.11 2.87 -18.14
CA PRO C 117 19.51 1.68 -18.75
C PRO C 117 20.32 0.38 -18.64
N VAL C 118 19.64 -0.77 -18.81
CA VAL C 118 20.23 -2.11 -18.76
C VAL C 118 20.55 -2.59 -20.19
N CYS C 119 21.42 -3.61 -20.32
CA CYS C 119 21.79 -4.16 -21.63
C CYS C 119 20.86 -5.29 -21.98
N LEU C 120 20.47 -5.38 -23.25
CA LEU C 120 19.69 -6.49 -23.75
C LEU C 120 20.65 -7.52 -24.35
N PRO C 121 20.53 -8.81 -23.96
CA PRO C 121 21.51 -9.81 -24.41
C PRO C 121 21.56 -10.07 -25.91
N ASP C 122 22.74 -10.52 -26.40
CA ASP C 122 22.98 -10.88 -27.80
C ASP C 122 23.10 -12.39 -27.96
N ARG C 123 23.22 -12.86 -29.21
CA ARG C 123 23.36 -14.28 -29.59
C ARG C 123 24.27 -15.03 -28.61
N GLU C 124 25.53 -14.62 -28.54
CA GLU C 124 26.58 -15.22 -27.72
C GLU C 124 26.37 -15.05 -26.23
N THR C 125 25.96 -13.84 -25.80
CA THR C 125 25.74 -13.47 -24.40
C THR C 125 24.68 -14.37 -23.75
N ALA C 126 23.54 -14.59 -24.44
CA ALA C 126 22.47 -15.46 -23.99
C ALA C 126 22.90 -16.93 -23.99
N ALA C 127 23.57 -17.39 -25.07
CA ALA C 127 24.05 -18.76 -25.20
C ALA C 127 25.02 -19.13 -24.08
N SER C 128 25.91 -18.20 -23.69
CA SER C 128 26.93 -18.42 -22.66
C SER C 128 26.43 -18.35 -21.21
N LEU C 129 25.60 -17.34 -20.88
CA LEU C 129 25.13 -17.19 -19.51
C LEU C 129 23.78 -17.86 -19.19
N LEU C 130 22.86 -18.02 -20.18
CA LEU C 130 21.55 -18.63 -19.91
C LEU C 130 21.71 -20.14 -19.79
N GLN C 131 22.41 -20.54 -18.74
CA GLN C 131 22.76 -21.92 -18.45
C GLN C 131 22.57 -22.20 -16.99
N ALA C 132 22.01 -23.38 -16.73
CA ALA C 132 21.68 -23.85 -15.40
C ALA C 132 22.87 -23.89 -14.47
N GLY C 133 22.68 -23.32 -13.29
CA GLY C 133 23.69 -23.31 -12.23
C GLY C 133 24.19 -21.94 -11.87
N TYR C 134 24.19 -21.04 -12.88
CA TYR C 134 24.61 -19.63 -12.82
C TYR C 134 23.53 -18.83 -12.12
N LYS C 135 23.93 -17.85 -11.29
CA LYS C 135 23.01 -17.04 -10.52
C LYS C 135 22.78 -15.70 -11.15
N GLY C 136 21.53 -15.32 -11.17
CA GLY C 136 21.03 -14.07 -11.69
C GLY C 136 20.42 -13.31 -10.54
N ARG C 137 19.95 -12.09 -10.80
CA ARG C 137 19.44 -11.26 -9.75
C ARG C 137 18.04 -10.71 -9.95
N VAL C 138 17.09 -11.10 -9.08
CA VAL C 138 15.73 -10.56 -9.11
C VAL C 138 15.65 -9.38 -8.13
N THR C 139 14.87 -8.33 -8.51
CA THR C 139 14.64 -7.07 -7.81
C THR C 139 13.19 -6.58 -7.89
N GLY C 140 12.70 -6.00 -6.79
CA GLY C 140 11.35 -5.49 -6.78
C GLY C 140 10.82 -5.08 -5.43
N TRP C 141 9.65 -4.37 -5.45
CA TRP C 141 8.96 -3.88 -4.25
C TRP C 141 7.68 -4.71 -3.99
N GLY C 142 7.71 -5.97 -4.43
CA GLY C 142 6.59 -6.90 -4.26
C GLY C 142 6.57 -7.50 -2.88
N ASN C 143 5.65 -8.43 -2.64
CA ASN C 143 5.47 -9.09 -1.34
C ASN C 143 6.75 -9.62 -0.70
N LEU C 144 6.76 -9.60 0.63
CA LEU C 144 7.91 -10.05 1.40
C LEU C 144 7.69 -11.52 1.72
N LYS C 145 6.43 -11.90 1.88
CA LYS C 145 6.02 -13.28 2.16
C LYS C 145 4.75 -13.56 1.38
N GLU C 146 4.58 -14.78 0.89
CA GLU C 146 3.43 -15.22 0.08
C GLU C 146 2.08 -14.64 0.53
N THR C 147 1.91 -14.49 1.84
CA THR C 147 0.68 -14.12 2.54
C THR C 147 0.96 -13.14 3.68
N TRP C 148 0.22 -12.03 3.71
CA TRP C 148 0.30 -10.99 4.74
C TRP C 148 -0.33 -11.53 6.01
N THR C 149 0.47 -11.58 7.09
CA THR C 149 -0.01 -12.11 8.34
C THR C 149 0.56 -11.27 9.50
N ALA C 150 -0.36 -10.56 10.23
CA ALA C 150 -0.15 -9.66 11.38
C ALA C 150 0.95 -10.12 12.36
N ASN C 151 0.85 -11.41 12.82
CA ASN C 151 1.80 -12.10 13.69
C ASN C 151 3.29 -12.05 13.19
N VAL C 152 3.53 -12.33 11.88
CA VAL C 152 4.88 -12.24 11.32
C VAL C 152 5.18 -10.75 11.05
N GLY C 153 4.22 -10.03 10.50
CA GLY C 153 4.29 -8.58 10.30
C GLY C 153 5.22 -8.09 9.20
N LYS C 154 5.30 -8.86 8.10
CA LYS C 154 6.08 -8.46 6.92
C LYS C 154 5.24 -8.70 5.65
N GLY C 155 4.89 -7.60 4.99
CA GLY C 155 4.04 -7.64 3.82
C GLY C 155 4.63 -7.06 2.56
N GLN C 156 5.06 -5.81 2.60
CA GLN C 156 5.61 -5.18 1.41
C GLN C 156 6.76 -4.25 1.83
N PRO C 157 7.91 -4.17 1.08
CA PRO C 157 9.05 -3.36 1.54
C PRO C 157 8.95 -1.85 1.36
N SER C 158 9.78 -1.15 2.12
CA SER C 158 9.91 0.30 2.02
C SER C 158 10.99 0.51 0.96
N VAL C 159 12.14 -0.12 1.17
CA VAL C 159 13.31 -0.05 0.32
C VAL C 159 13.31 -1.20 -0.70
N LEU C 160 13.78 -0.98 -1.95
CA LEU C 160 13.87 -1.98 -3.02
C LEU C 160 14.55 -3.24 -2.50
N GLN C 161 13.97 -4.42 -2.81
CA GLN C 161 14.54 -5.69 -2.40
C GLN C 161 15.30 -6.33 -3.51
N VAL C 162 16.25 -7.22 -3.17
CA VAL C 162 17.12 -7.94 -4.11
C VAL C 162 17.40 -9.35 -3.63
N VAL C 163 17.26 -10.33 -4.55
CA VAL C 163 17.56 -11.75 -4.30
C VAL C 163 18.45 -12.26 -5.46
N ASN C 164 19.39 -13.16 -5.16
CA ASN C 164 20.25 -13.77 -6.15
C ASN C 164 19.82 -15.23 -6.30
N LEU C 165 19.30 -15.60 -7.49
CA LEU C 165 18.75 -16.94 -7.71
C LEU C 165 19.41 -17.70 -8.85
N PRO C 166 19.71 -19.00 -8.67
CA PRO C 166 20.32 -19.76 -9.77
C PRO C 166 19.29 -20.28 -10.79
N ILE C 167 19.71 -20.36 -12.06
CA ILE C 167 18.93 -20.87 -13.20
C ILE C 167 18.79 -22.41 -13.08
N VAL C 168 17.55 -22.91 -13.23
CA VAL C 168 17.18 -24.34 -13.11
C VAL C 168 17.09 -25.07 -14.47
N GLU C 169 17.59 -26.34 -14.53
CA GLU C 169 17.60 -27.22 -15.73
C GLU C 169 16.19 -27.36 -16.22
N ARG C 170 15.98 -27.18 -17.54
CA ARG C 170 14.62 -27.20 -18.14
C ARG C 170 13.86 -28.44 -17.78
N PRO C 171 14.47 -29.66 -17.73
CA PRO C 171 13.68 -30.83 -17.31
C PRO C 171 13.21 -30.73 -15.85
N VAL C 172 13.97 -30.04 -14.97
CA VAL C 172 13.57 -29.83 -13.56
C VAL C 172 12.35 -28.90 -13.54
N CYS C 173 12.48 -27.75 -14.26
CA CYS C 173 11.45 -26.71 -14.47
C CYS C 173 10.13 -27.36 -14.89
N LYS C 174 10.18 -28.15 -15.99
CA LYS C 174 9.09 -28.87 -16.63
C LYS C 174 8.33 -29.78 -15.66
N ASP C 175 9.09 -30.65 -14.96
CA ASP C 175 8.56 -31.61 -14.02
C ASP C 175 8.08 -31.01 -12.70
N SER C 176 8.41 -29.73 -12.42
CA SER C 176 7.95 -29.06 -11.20
C SER C 176 6.53 -28.45 -11.31
N THR C 177 6.01 -28.30 -12.57
CA THR C 177 4.69 -27.72 -12.89
C THR C 177 3.84 -28.57 -13.84
N ARG C 178 2.55 -28.19 -13.97
CA ARG C 178 1.56 -28.86 -14.83
C ARG C 178 1.30 -28.06 -16.14
N ILE C 179 1.77 -26.78 -16.16
CA ILE C 179 1.67 -25.82 -17.26
C ILE C 179 2.72 -26.14 -18.35
N ARG C 180 2.31 -25.97 -19.63
CA ARG C 180 3.16 -26.17 -20.79
C ARG C 180 4.26 -25.09 -20.85
N ILE C 181 5.50 -25.50 -20.55
CA ILE C 181 6.67 -24.62 -20.56
C ILE C 181 7.20 -24.57 -21.98
N THR C 182 7.38 -23.34 -22.51
CA THR C 182 7.90 -23.07 -23.85
C THR C 182 9.30 -22.48 -23.77
N ASP C 183 10.07 -22.61 -24.85
CA ASP C 183 11.46 -22.11 -24.96
C ASP C 183 11.56 -20.62 -24.64
N ASN C 184 10.40 -19.92 -24.66
CA ASN C 184 10.25 -18.49 -24.38
C ASN C 184 10.19 -18.23 -22.86
N MET C 185 10.40 -19.30 -22.07
CA MET C 185 10.39 -19.27 -20.62
C MET C 185 11.61 -19.96 -20.12
N PHE C 186 12.04 -19.59 -18.92
CA PHE C 186 13.14 -20.22 -18.20
C PHE C 186 12.79 -20.12 -16.73
N CYS C 187 13.25 -21.06 -15.90
CA CYS C 187 12.90 -20.95 -14.49
C CYS C 187 14.14 -20.88 -13.58
N ALA C 188 14.00 -20.19 -12.43
CA ALA C 188 15.12 -19.98 -11.53
C ALA C 188 14.68 -20.13 -10.10
N GLY C 189 15.58 -20.53 -9.22
CA GLY C 189 15.27 -20.69 -7.81
C GLY C 189 16.07 -21.82 -7.20
N TYR C 190 16.11 -21.91 -5.87
CA TYR C 190 16.89 -22.98 -5.23
C TYR C 190 16.08 -24.23 -5.01
N LYS C 191 16.78 -25.38 -5.07
CA LYS C 191 16.19 -26.71 -4.92
C LYS C 191 16.03 -27.01 -3.43
N PRO C 192 15.12 -27.94 -3.01
CA PRO C 192 14.91 -28.16 -1.57
C PRO C 192 16.16 -28.47 -0.73
N ASP C 193 17.14 -29.18 -1.29
CA ASP C 193 18.37 -29.46 -0.54
C ASP C 193 19.52 -28.47 -0.82
N GLU C 194 19.25 -27.34 -1.52
CA GLU C 194 20.32 -26.36 -1.80
C GLU C 194 20.68 -25.43 -0.61
N GLY C 195 19.93 -25.55 0.49
CA GLY C 195 20.15 -24.79 1.72
C GLY C 195 19.92 -23.29 1.64
N LYS C 196 19.38 -22.82 0.52
CA LYS C 196 19.08 -21.41 0.32
C LYS C 196 17.67 -21.30 -0.23
N ARG C 197 17.05 -20.11 -0.03
CA ARG C 197 15.68 -19.77 -0.46
C ARG C 197 15.70 -18.44 -1.24
N GLY C 198 14.50 -17.98 -1.59
CA GLY C 198 14.27 -16.72 -2.28
C GLY C 198 13.39 -16.89 -3.48
N ASP C 199 12.54 -15.88 -3.77
CA ASP C 199 11.66 -15.90 -4.94
C ASP C 199 11.10 -14.53 -5.17
N ALA C 200 10.60 -14.30 -6.40
CA ALA C 200 9.86 -13.09 -6.77
C ALA C 200 8.43 -13.35 -6.27
N CYS C 201 7.76 -12.36 -5.73
CA CYS C 201 6.42 -12.55 -5.18
C CYS C 201 5.38 -11.62 -5.83
N GLU C 202 4.23 -11.40 -5.18
CA GLU C 202 3.14 -10.56 -5.69
C GLU C 202 3.66 -9.18 -6.02
N GLY C 203 3.37 -8.70 -7.23
CA GLY C 203 3.75 -7.37 -7.69
C GLY C 203 5.22 -7.13 -7.87
N ASP C 204 5.99 -8.22 -8.02
CA ASP C 204 7.42 -8.27 -8.36
C ASP C 204 7.45 -8.60 -9.86
N SER C 205 6.26 -8.99 -10.37
CA SER C 205 5.90 -9.33 -11.74
C SER C 205 6.24 -8.17 -12.66
N GLY C 206 6.77 -8.47 -13.84
CA GLY C 206 7.18 -7.46 -14.82
C GLY C 206 8.57 -6.89 -14.64
N GLY C 207 9.17 -7.17 -13.48
CA GLY C 207 10.51 -6.72 -13.13
C GLY C 207 11.66 -7.45 -13.84
N PRO C 208 12.90 -7.06 -13.53
CA PRO C 208 14.04 -7.67 -14.23
C PRO C 208 14.83 -8.77 -13.55
N PHE C 209 15.17 -9.82 -14.32
CA PHE C 209 16.12 -10.87 -13.95
C PHE C 209 17.40 -10.53 -14.74
N VAL C 210 18.43 -10.04 -14.04
CA VAL C 210 19.67 -9.64 -14.67
C VAL C 210 20.83 -10.56 -14.37
N MET C 211 21.95 -10.33 -15.08
CA MET C 211 23.22 -11.05 -14.94
C MET C 211 24.41 -10.17 -15.30
N LYS C 212 25.54 -10.32 -14.59
CA LYS C 212 26.75 -9.54 -14.86
C LYS C 212 27.67 -10.34 -15.76
N SER C 213 28.02 -9.75 -16.92
CA SER C 213 28.86 -10.41 -17.88
C SER C 213 30.28 -10.48 -17.33
N PRO C 214 30.82 -11.71 -17.15
CA PRO C 214 32.22 -11.83 -16.69
C PRO C 214 33.21 -11.32 -17.77
N PHE C 215 32.67 -11.17 -19.00
CA PHE C 215 33.34 -10.76 -20.19
C PHE C 215 33.56 -9.25 -20.27
N ASN C 216 32.52 -8.43 -19.96
CA ASN C 216 32.62 -6.98 -20.07
C ASN C 216 32.05 -6.16 -18.88
N ASN C 217 31.78 -6.79 -17.73
CA ASN C 217 31.23 -6.15 -16.50
C ASN C 217 29.93 -5.40 -16.75
N ARG C 218 29.16 -5.75 -17.81
CA ARG C 218 27.88 -5.14 -18.13
C ARG C 218 26.72 -6.01 -17.66
N TRP C 219 25.72 -5.34 -17.04
CA TRP C 219 24.53 -6.02 -16.57
C TRP C 219 23.56 -6.19 -17.72
N TYR C 220 23.22 -7.46 -18.00
CA TYR C 220 22.33 -7.86 -19.08
C TYR C 220 21.01 -8.31 -18.49
N GLN C 221 19.87 -7.89 -19.07
CA GLN C 221 18.56 -8.37 -18.57
C GLN C 221 18.17 -9.65 -19.32
N MET C 222 18.35 -10.82 -18.67
CA MET C 222 18.10 -12.16 -19.24
C MET C 222 16.64 -12.57 -19.26
N GLY C 223 15.91 -12.14 -18.24
CA GLY C 223 14.50 -12.45 -18.09
C GLY C 223 13.64 -11.32 -17.57
N ILE C 224 12.34 -11.58 -17.55
CA ILE C 224 11.29 -10.71 -17.03
C ILE C 224 10.50 -11.61 -16.08
N VAL C 225 10.34 -11.18 -14.83
CA VAL C 225 9.57 -11.86 -13.79
C VAL C 225 8.14 -12.11 -14.33
N SER C 226 7.84 -13.37 -14.76
CA SER C 226 6.57 -13.72 -15.42
C SER C 226 5.51 -14.32 -14.48
N TRP C 227 5.64 -15.61 -14.15
CA TRP C 227 4.68 -16.30 -13.31
C TRP C 227 5.34 -17.32 -12.38
N GLY C 228 4.52 -17.90 -11.50
CA GLY C 228 4.89 -18.91 -10.52
C GLY C 228 3.72 -19.33 -9.68
N GLU C 229 3.79 -20.54 -9.08
CA GLU C 229 2.78 -21.14 -8.19
C GLU C 229 3.23 -20.85 -6.74
N GLY C 230 2.66 -19.82 -6.16
CA GLY C 230 3.07 -19.37 -4.85
C GLY C 230 4.33 -18.51 -4.84
N CYS C 231 4.96 -18.47 -3.68
CA CYS C 231 6.17 -17.70 -3.43
C CYS C 231 7.05 -18.55 -2.55
N ASP C 232 8.28 -18.83 -3.00
CA ASP C 232 9.29 -19.58 -2.26
C ASP C 232 8.77 -20.94 -1.70
N ARG C 233 7.96 -21.66 -2.51
CA ARG C 233 7.46 -22.98 -2.18
C ARG C 233 8.50 -24.04 -2.54
N ASP C 234 8.72 -25.03 -1.66
CA ASP C 234 9.70 -26.10 -1.85
C ASP C 234 9.34 -26.96 -3.06
N GLY C 235 10.25 -27.04 -4.02
CA GLY C 235 10.04 -27.80 -5.25
C GLY C 235 9.34 -27.00 -6.33
N LYS C 236 9.14 -25.72 -6.06
CA LYS C 236 8.55 -24.84 -7.05
C LYS C 236 9.59 -23.79 -7.37
N TYR C 237 9.64 -23.40 -8.65
CA TYR C 237 10.57 -22.42 -9.15
C TYR C 237 9.88 -21.21 -9.84
N GLY C 238 10.56 -20.08 -9.88
CA GLY C 238 10.01 -18.89 -10.53
C GLY C 238 10.17 -18.99 -12.04
N PHE C 239 9.13 -18.63 -12.82
CA PHE C 239 9.25 -18.66 -14.27
C PHE C 239 9.47 -17.24 -14.87
N TYR C 240 10.46 -17.10 -15.78
CA TYR C 240 10.84 -15.81 -16.38
C TYR C 240 10.82 -15.84 -17.91
N THR C 241 10.38 -14.72 -18.51
CA THR C 241 10.27 -14.50 -19.96
C THR C 241 11.69 -14.47 -20.52
N HIS C 242 11.97 -15.33 -21.49
CA HIS C 242 13.27 -15.47 -22.13
C HIS C 242 13.53 -14.27 -23.06
N VAL C 243 14.04 -13.16 -22.51
CA VAL C 243 14.25 -11.91 -23.24
C VAL C 243 14.83 -12.16 -24.66
N PHE C 244 16.00 -12.82 -24.76
CA PHE C 244 16.67 -13.05 -26.03
C PHE C 244 15.78 -13.69 -27.12
N ARG C 245 15.03 -14.77 -26.76
CA ARG C 245 14.11 -15.49 -27.65
C ARG C 245 13.08 -14.55 -28.32
N LEU C 246 12.93 -13.34 -27.76
CA LEU C 246 11.98 -12.35 -28.25
C LEU C 246 12.63 -11.02 -28.65
N LYS C 247 13.99 -10.96 -28.65
CA LYS C 247 14.73 -9.73 -28.99
C LYS C 247 14.38 -9.22 -30.39
N LYS C 248 14.04 -10.16 -31.31
CA LYS C 248 13.64 -9.91 -32.70
C LYS C 248 12.35 -9.05 -32.74
N TRP C 249 11.41 -9.32 -31.81
CA TRP C 249 10.18 -8.56 -31.67
C TRP C 249 10.48 -7.19 -31.04
N ILE C 250 11.19 -7.17 -29.86
CA ILE C 250 11.64 -5.96 -29.14
C ILE C 250 12.24 -4.95 -30.14
N GLN C 251 13.12 -5.43 -31.04
CA GLN C 251 13.78 -4.66 -32.09
C GLN C 251 12.78 -4.00 -33.01
N LYS C 252 11.87 -4.78 -33.64
CA LYS C 252 10.84 -4.29 -34.56
C LYS C 252 9.95 -3.18 -33.97
N VAL C 253 9.48 -3.34 -32.72
CA VAL C 253 8.65 -2.33 -32.06
C VAL C 253 9.48 -1.03 -31.83
N ILE C 254 10.72 -1.15 -31.33
CA ILE C 254 11.61 -0.03 -31.10
C ILE C 254 11.96 0.68 -32.42
N ASP C 255 12.29 -0.09 -33.47
CA ASP C 255 12.69 0.42 -34.78
C ASP C 255 11.50 0.97 -35.61
N GLN C 256 10.28 0.93 -35.03
CA GLN C 256 9.05 1.50 -35.59
C GLN C 256 8.55 2.53 -34.57
N PHE C 257 7.49 3.28 -34.94
CA PHE C 257 6.78 4.28 -34.12
C PHE C 257 7.71 5.39 -33.55
N ALA D 1 23.61 1.78 -25.18
CA ALA D 1 24.86 2.32 -25.75
C ALA D 1 26.05 2.21 -24.77
N ASP D 2 25.83 2.59 -23.50
CA ASP D 2 26.81 2.55 -22.42
C ASP D 2 26.11 1.91 -21.19
N CYS D 3 25.11 1.09 -21.52
CA CYS D 3 24.24 0.33 -20.63
C CYS D 3 24.99 -0.63 -19.71
N GLY D 4 24.27 -1.14 -18.72
CA GLY D 4 24.72 -2.14 -17.76
C GLY D 4 25.96 -1.81 -16.98
N LEU D 5 26.32 -0.52 -16.93
CA LEU D 5 27.49 -0.04 -16.21
C LEU D 5 26.97 0.98 -15.24
N ARG D 6 26.69 0.49 -14.03
CA ARG D 6 26.11 1.31 -12.95
C ARG D 6 26.97 2.52 -12.58
N PRO D 7 26.40 3.75 -12.69
CA PRO D 7 27.17 4.95 -12.36
C PRO D 7 27.73 5.00 -10.95
N LEU D 8 27.04 4.39 -9.99
CA LEU D 8 27.54 4.40 -8.61
C LEU D 8 28.42 3.19 -8.31
N PHE D 9 28.43 2.17 -9.19
CA PHE D 9 29.24 0.95 -9.00
C PHE D 9 30.33 0.76 -10.07
N GLU D 10 29.98 0.15 -11.23
CA GLU D 10 30.88 -0.11 -12.37
C GLU D 10 31.69 1.10 -12.90
N LYS D 11 31.08 2.31 -12.92
CA LYS D 11 31.73 3.57 -13.36
C LYS D 11 32.65 4.09 -12.25
N LYS D 12 32.14 4.21 -11.01
CA LYS D 12 32.90 4.65 -9.83
C LYS D 12 33.96 3.62 -9.37
N SER D 13 34.01 2.42 -10.02
CA SER D 13 34.91 1.27 -9.78
C SER D 13 34.67 0.67 -8.38
N LEU D 14 33.42 0.31 -8.12
CA LEU D 14 32.95 -0.29 -6.87
C LEU D 14 32.04 -1.51 -7.10
N GLU D 15 32.14 -2.51 -6.20
CA GLU D 15 31.34 -3.74 -6.21
C GLU D 15 30.18 -3.64 -5.24
N ASP D 16 28.99 -4.11 -5.64
CA ASP D 16 27.86 -4.12 -4.72
C ASP D 16 28.04 -5.31 -3.76
N LYS D 17 27.54 -5.17 -2.52
CA LYS D 17 27.63 -6.12 -1.40
C LYS D 17 27.49 -7.61 -1.78
N THR D 18 26.70 -7.96 -2.85
CA THR D 18 26.51 -9.38 -3.24
C THR D 18 26.84 -9.75 -4.71
N GLU D 19 27.55 -8.88 -5.49
CA GLU D 19 27.79 -9.24 -6.89
C GLU D 19 28.77 -10.39 -7.05
N ARG D 20 29.67 -10.62 -6.06
CA ARG D 20 30.64 -11.72 -6.16
C ARG D 20 29.96 -13.07 -6.27
N GLU D 21 28.82 -13.24 -5.55
CA GLU D 21 27.99 -14.44 -5.55
C GLU D 21 27.66 -14.85 -7.00
N LEU D 22 27.27 -13.86 -7.82
CA LEU D 22 26.92 -14.02 -9.23
C LEU D 22 28.14 -14.49 -10.02
N LEU D 23 29.22 -13.68 -10.06
CA LEU D 23 30.43 -14.02 -10.80
C LEU D 23 31.02 -15.38 -10.34
N GLU D 24 30.96 -15.69 -9.02
CA GLU D 24 31.43 -16.93 -8.42
C GLU D 24 30.69 -18.12 -9.01
N SER D 25 29.35 -17.99 -9.24
CA SER D 25 28.47 -19.04 -9.76
C SER D 25 28.86 -19.54 -11.15
N TYR D 26 29.67 -18.73 -11.89
CA TYR D 26 30.18 -19.04 -13.22
C TYR D 26 31.38 -20.02 -13.13
N ILE D 27 31.69 -20.51 -11.95
CA ILE D 27 32.82 -21.42 -11.71
C ILE D 27 32.33 -22.67 -10.92
N ASP D 28 31.61 -22.35 -9.81
CA ASP D 28 31.02 -23.20 -8.80
C ASP D 28 29.49 -22.98 -8.75
#